data_6HR6
#
_entry.id   6HR6
#
_cell.length_a   68.680
_cell.length_b   83.272
_cell.length_c   89.102
_cell.angle_alpha   90.000
_cell.angle_beta   90.000
_cell.angle_gamma   90.000
#
_symmetry.space_group_name_H-M   'P 21 21 21'
#
loop_
_entity.id
_entity.type
_entity.pdbx_description
1 polymer 'Peptidoglycan D,D-transpeptidase FtsI'
2 non-polymer 'Nitrocefin - open form'
3 water water
#
_entity_poly.entity_id   1
_entity_poly.type   'polypeptide(L)'
_entity_poly.pdbx_seq_one_letter_code
;GYQDPARSVRHIAIPAHRGLITDRNGEPLAVSTPVTTLWANPKELMTAKERWPQLAAALGQDTKLFADRIEQNAEREFIY
LVRGLTPEQGEGVIALKVPGVYSIEEFRRFYPAGEVVAHAVGFTDVDDRGREGIELAFDEWLAGVPGKRQVLKDRRGRVI
KDVQVTKNAKPGKTLALSIDLRLQYLAHRELRNALLENGAKAGSLVIMDVKTGEILAMTNQPTYNPNNRRNLQPAAMRNR
AMIDVFEPGSTVKPFSMSAALASGRWKPSDIVDVYPGTLQIGRYTIRDVSRNSRQLDLTGILIKSSNVGISKIAFDIGAE
SIYSVMQQVGLGQDTGLGFPGERVGNLPNHRKWPKAETATLAYGYGLSVTAIQLAHAYAALANDGKSVPLSMTRVDRVPD
GVQVISPEVASTVQGMLQQVVEAQGGVFRAQVPGYHAAGKSGTARKVSVGTKGYRENAYRSLFAGFAPATDPRIAMVVVI
DEPSKAGYFGGLVSAPVFSKVMAGALRLMNVPPDNLPTATEQQQVNAAPAKGGRG
;
_entity_poly.pdbx_strand_id   A
#
loop_
_chem_comp.id
_chem_comp.type
_chem_comp.name
_chem_comp.formula
NEF non-polymer 'Nitrocefin - open form' 'C21 H18 N4 O9 S2'
#
# COMPACT_ATOMS: atom_id res chain seq x y z
N ALA A 6 43.07 33.25 -10.15
CA ALA A 6 43.14 33.92 -8.84
C ALA A 6 41.78 33.82 -8.16
N ARG A 7 40.72 34.20 -8.89
CA ARG A 7 39.33 34.18 -8.35
C ARG A 7 38.41 33.40 -9.30
N SER A 8 37.53 32.56 -8.73
CA SER A 8 36.55 31.70 -9.48
C SER A 8 35.19 31.72 -8.78
N VAL A 9 34.06 31.73 -9.54
CA VAL A 9 32.77 31.78 -8.79
C VAL A 9 31.92 30.53 -9.06
N ARG A 10 31.99 29.52 -8.19
CA ARG A 10 31.06 28.40 -8.32
C ARG A 10 29.90 28.60 -7.34
N HIS A 11 29.07 27.55 -7.22
CA HIS A 11 27.74 27.65 -6.61
C HIS A 11 27.43 26.33 -5.89
N ILE A 12 27.54 26.30 -4.55
CA ILE A 12 27.05 25.17 -3.76
C ILE A 12 25.60 25.41 -3.34
N ALA A 13 24.75 24.40 -3.54
CA ALA A 13 23.32 24.47 -3.29
C ALA A 13 23.01 24.27 -1.81
N ILE A 14 21.84 24.74 -1.41
CA ILE A 14 21.43 24.86 0.00
C ILE A 14 20.29 23.87 0.23
N PRO A 15 20.51 22.75 0.91
CA PRO A 15 19.45 21.74 1.02
C PRO A 15 18.18 22.30 1.65
N ALA A 16 17.04 21.95 1.07
CA ALA A 16 15.78 22.32 1.65
C ALA A 16 15.41 21.33 2.75
N HIS A 17 14.75 21.84 3.78
CA HIS A 17 14.22 20.96 4.81
C HIS A 17 13.02 20.19 4.24
N ARG A 18 13.11 18.86 4.23
CA ARG A 18 12.12 18.01 3.56
C ARG A 18 10.87 17.80 4.43
N GLY A 19 9.70 18.04 3.85
CA GLY A 19 8.45 18.05 4.58
C GLY A 19 8.13 16.84 5.47
N LEU A 20 7.49 17.12 6.60
CA LEU A 20 7.05 16.07 7.52
C LEU A 20 5.88 15.27 6.93
N ILE A 21 5.91 13.93 7.13
CA ILE A 21 4.77 13.06 6.80
C ILE A 21 4.14 12.56 8.11
N THR A 22 2.84 12.79 8.29
CA THR A 22 2.13 12.30 9.46
C THR A 22 1.04 11.34 9.02
N ASP A 23 0.39 10.69 9.98
CA ASP A 23 -0.83 9.96 9.67
C ASP A 23 -2.02 10.92 9.76
N ARG A 24 -3.24 10.38 9.85
CA ARG A 24 -4.46 11.18 9.98
C ARG A 24 -4.36 12.20 11.09
N ASN A 25 -3.65 11.82 12.15
CA ASN A 25 -3.77 12.44 13.45
C ASN A 25 -2.53 13.25 13.82
N GLY A 26 -1.66 13.54 12.86
CA GLY A 26 -0.42 14.23 13.13
C GLY A 26 0.64 13.37 13.75
N GLU A 27 0.59 12.09 13.57
CA GLU A 27 1.72 11.35 14.15
C GLU A 27 2.84 11.28 13.13
N PRO A 28 4.08 11.63 13.52
CA PRO A 28 5.19 11.65 12.55
C PRO A 28 5.44 10.29 11.93
N LEU A 29 5.48 10.25 10.61
CA LEU A 29 5.86 9.01 9.96
C LEU A 29 7.18 9.10 9.24
N ALA A 30 7.56 10.30 8.80
CA ALA A 30 8.84 10.55 8.15
C ALA A 30 9.27 11.96 8.50
N VAL A 31 10.49 12.12 9.04
CA VAL A 31 10.97 13.37 9.64
C VAL A 31 12.38 13.69 9.16
N SER A 32 12.61 14.92 8.73
CA SER A 32 13.96 15.34 8.37
C SER A 32 14.81 15.53 9.62
N THR A 33 15.79 14.66 9.78
CA THR A 33 16.74 14.69 10.88
C THR A 33 17.99 15.48 10.46
N PRO A 34 18.43 16.49 11.22
CA PRO A 34 19.75 17.09 10.96
C PRO A 34 20.85 16.06 11.10
N VAL A 35 21.74 16.01 10.12
CA VAL A 35 22.98 15.26 10.20
C VAL A 35 24.13 16.09 9.65
N THR A 36 25.32 15.50 9.60
CA THR A 36 26.51 16.16 9.10
C THR A 36 27.25 15.25 8.13
N THR A 37 27.50 15.76 6.93
CA THR A 37 28.44 15.21 5.98
C THR A 37 29.82 15.79 6.25
N LEU A 38 30.86 15.15 5.70
CA LEU A 38 32.24 15.60 5.78
C LEU A 38 32.88 15.44 4.42
N TRP A 39 33.40 16.52 3.87
CA TRP A 39 34.02 16.50 2.56
C TRP A 39 35.43 17.07 2.69
N ALA A 40 36.16 17.14 1.59
CA ALA A 40 37.50 17.70 1.70
C ALA A 40 38.00 18.14 0.34
N ASN A 41 38.81 19.19 0.36
CA ASN A 41 39.52 19.62 -0.83
C ASN A 41 40.81 18.83 -0.92
N PRO A 42 40.96 17.94 -1.91
CA PRO A 42 42.25 17.23 -2.04
C PRO A 42 43.45 18.15 -2.16
N LYS A 43 43.30 19.23 -2.91
CA LYS A 43 44.42 20.18 -3.06
C LYS A 43 44.77 20.73 -1.68
N GLU A 44 43.78 20.95 -0.82
CA GLU A 44 44.08 21.41 0.56
C GLU A 44 44.74 20.28 1.35
N LEU A 45 44.21 19.06 1.20
CA LEU A 45 44.64 17.83 1.91
C LEU A 45 46.07 17.49 1.53
N MET A 46 46.49 17.75 0.30
CA MET A 46 47.86 17.39 -0.15
C MET A 46 48.96 18.25 0.49
N THR A 47 48.64 19.33 1.19
CA THR A 47 49.64 20.12 1.93
C THR A 47 49.71 19.62 3.37
N ALA A 48 48.91 18.61 3.72
CA ALA A 48 48.88 18.15 5.12
C ALA A 48 49.05 16.65 5.26
N LYS A 49 49.72 15.98 4.34
CA LYS A 49 49.89 14.51 4.37
C LYS A 49 50.30 13.99 5.73
N GLU A 50 50.93 14.78 6.60
CA GLU A 50 51.23 14.22 7.91
C GLU A 50 49.96 13.99 8.72
N ARG A 51 48.86 14.63 8.34
CA ARG A 51 47.62 14.54 9.09
C ARG A 51 46.73 13.37 8.67
N TRP A 52 47.00 12.74 7.52
CA TRP A 52 46.08 11.75 6.98
C TRP A 52 45.92 10.52 7.87
N PRO A 53 46.97 9.93 8.43
CA PRO A 53 46.73 8.70 9.23
C PRO A 53 45.76 8.89 10.36
N GLN A 54 45.82 10.02 11.05
CA GLN A 54 44.87 10.31 12.11
C GLN A 54 43.46 10.52 11.58
N LEU A 55 43.33 11.06 10.36
CA LEU A 55 42.01 11.28 9.74
C LEU A 55 41.41 9.96 9.25
N ALA A 56 42.21 9.14 8.55
CA ALA A 56 41.80 7.77 8.26
C ALA A 56 41.33 7.05 9.51
N ALA A 57 42.19 7.03 10.54
CA ALA A 57 41.85 6.31 11.77
C ALA A 57 40.51 6.79 12.32
N ALA A 58 40.35 8.10 12.46
CA ALA A 58 39.10 8.68 12.96
C ALA A 58 37.92 8.50 12.01
N LEU A 59 38.13 7.99 10.79
CA LEU A 59 37.05 7.62 9.87
C LEU A 59 36.94 6.11 9.67
N GLY A 60 37.68 5.32 10.45
CA GLY A 60 37.65 3.87 10.30
C GLY A 60 38.10 3.36 8.94
N GLN A 61 38.78 4.18 8.16
CA GLN A 61 39.21 3.78 6.84
C GLN A 61 40.72 3.47 6.91
N ASP A 62 41.16 2.56 6.05
CA ASP A 62 42.53 2.08 6.21
C ASP A 62 43.52 3.19 5.84
N THR A 63 44.58 3.31 6.65
CA THR A 63 45.58 4.36 6.47
C THR A 63 46.06 4.44 5.03
N LYS A 64 46.40 3.30 4.45
CA LYS A 64 46.99 3.33 3.13
C LYS A 64 45.94 3.40 2.05
N LEU A 65 44.72 2.91 2.32
CA LEU A 65 43.64 3.09 1.35
C LEU A 65 43.18 4.53 1.31
N PHE A 66 43.05 5.17 2.49
CA PHE A 66 42.70 6.57 2.55
C PHE A 66 43.68 7.39 1.72
N ALA A 67 44.97 7.24 2.00
CA ALA A 67 46.02 7.93 1.26
C ALA A 67 45.86 7.72 -0.24
N ASP A 68 45.55 6.49 -0.66
CA ASP A 68 45.50 6.20 -2.09
C ASP A 68 44.36 6.98 -2.75
N ARG A 69 43.30 7.22 -1.98
CA ARG A 69 41.99 7.64 -2.37
C ARG A 69 42.14 9.11 -2.75
N ILE A 70 42.94 9.79 -1.89
CA ILE A 70 43.30 11.20 -1.89
C ILE A 70 44.37 11.46 -2.92
N GLU A 71 45.28 10.51 -3.08
CA GLU A 71 46.34 10.74 -4.04
C GLU A 71 45.78 10.72 -5.45
N GLN A 72 44.88 9.78 -5.70
CA GLN A 72 44.37 9.63 -7.05
C GLN A 72 43.25 10.63 -7.33
N ASN A 73 42.87 11.44 -6.35
CA ASN A 73 42.01 12.60 -6.57
C ASN A 73 42.79 13.90 -6.33
N ALA A 74 44.07 13.88 -6.68
CA ALA A 74 44.92 15.03 -6.37
C ALA A 74 44.42 16.29 -7.06
N GLU A 75 44.15 16.22 -8.37
CA GLU A 75 43.75 17.42 -9.10
C GLU A 75 42.25 17.70 -8.97
N ARG A 76 41.48 16.88 -8.25
CA ARG A 76 40.03 17.17 -8.09
C ARG A 76 39.76 18.07 -6.87
N GLU A 77 38.87 19.04 -7.05
CA GLU A 77 38.51 20.07 -6.02
C GLU A 77 37.79 19.53 -4.79
N PHE A 78 36.89 18.57 -4.90
CA PHE A 78 36.13 18.16 -3.70
C PHE A 78 35.79 16.67 -3.74
N ILE A 79 35.69 16.03 -2.58
CA ILE A 79 35.27 14.62 -2.47
C ILE A 79 34.48 14.45 -1.18
N TYR A 80 33.72 13.37 -1.05
CA TYR A 80 32.92 13.12 0.17
C TYR A 80 33.69 12.18 1.10
N LEU A 81 33.85 12.55 2.37
CA LEU A 81 34.57 11.67 3.31
C LEU A 81 33.55 10.69 3.87
N VAL A 82 32.63 11.22 4.67
CA VAL A 82 31.58 10.48 5.34
C VAL A 82 30.29 11.31 5.30
N ARG A 83 29.17 10.67 5.00
CA ARG A 83 27.88 11.35 4.99
C ARG A 83 27.03 10.89 6.17
N GLY A 84 26.38 11.85 6.82
CA GLY A 84 25.34 11.52 7.78
C GLY A 84 25.79 11.08 9.16
N LEU A 85 26.77 11.76 9.75
CA LEU A 85 27.14 11.49 11.13
C LEU A 85 26.19 12.22 12.06
N THR A 86 26.00 11.68 13.26
CA THR A 86 25.37 12.46 14.30
C THR A 86 26.21 13.73 14.45
N PRO A 87 25.61 14.93 14.39
CA PRO A 87 26.44 16.15 14.33
C PRO A 87 27.61 16.10 15.30
N GLU A 88 27.41 15.54 16.49
CA GLU A 88 28.52 15.39 17.46
C GLU A 88 29.59 14.50 16.82
N GLN A 89 29.22 13.34 16.30
CA GLN A 89 30.24 12.45 15.66
C GLN A 89 31.04 13.30 14.67
N GLY A 90 30.34 14.08 13.85
CA GLY A 90 30.98 14.97 12.86
C GLY A 90 31.82 16.04 13.54
N GLU A 91 31.33 16.56 14.68
CA GLU A 91 32.05 17.61 15.46
C GLU A 91 33.40 17.05 15.95
N GLY A 92 33.42 15.79 16.37
CA GLY A 92 34.67 15.17 16.84
C GLY A 92 35.70 15.13 15.73
N VAL A 93 35.27 14.80 14.51
CA VAL A 93 36.17 14.76 13.32
C VAL A 93 36.68 16.19 13.05
N ILE A 94 35.80 17.18 13.22
CA ILE A 94 36.16 18.62 13.00
C ILE A 94 37.24 19.03 14.00
N ALA A 95 37.14 18.57 15.25
CA ALA A 95 38.12 18.89 16.32
C ALA A 95 39.55 18.67 15.78
N LEU A 96 39.75 17.59 15.03
CA LEU A 96 41.06 17.30 14.45
C LEU A 96 41.65 18.45 13.65
N LYS A 97 40.80 19.37 13.18
CA LYS A 97 41.26 20.63 12.60
C LYS A 97 42.31 20.36 11.53
N VAL A 98 42.00 19.43 10.65
CA VAL A 98 42.87 19.01 9.54
C VAL A 98 42.64 19.97 8.38
N PRO A 99 43.69 20.45 7.74
CA PRO A 99 43.51 21.35 6.59
C PRO A 99 42.74 20.63 5.48
N GLY A 100 41.71 21.29 4.97
CA GLY A 100 40.99 20.77 3.83
C GLY A 100 39.75 19.97 4.15
N VAL A 101 39.54 19.63 5.40
CA VAL A 101 38.37 18.86 5.83
C VAL A 101 37.27 19.84 6.19
N TYR A 102 36.17 19.80 5.44
CA TYR A 102 35.06 20.69 5.71
C TYR A 102 33.79 19.88 5.93
N SER A 103 32.79 20.55 6.47
CA SER A 103 31.49 19.96 6.73
C SER A 103 30.40 20.72 5.99
N ILE A 104 29.27 20.05 5.83
CA ILE A 104 28.00 20.64 5.43
C ILE A 104 26.92 19.97 6.30
N GLU A 105 26.07 20.78 6.91
CA GLU A 105 24.95 20.24 7.64
C GLU A 105 23.94 19.70 6.64
N GLU A 106 23.18 18.68 7.06
CA GLU A 106 22.40 17.94 6.08
C GLU A 106 21.26 17.18 6.75
N PHE A 107 20.20 16.92 5.96
CA PHE A 107 18.98 16.29 6.45
C PHE A 107 18.93 14.85 5.99
N ARG A 108 18.62 13.95 6.92
CA ARG A 108 18.52 12.54 6.66
C ARG A 108 17.19 12.09 7.23
N ARG A 109 16.42 11.37 6.46
CA ARG A 109 15.06 11.10 6.89
C ARG A 109 15.06 10.04 8.01
N PHE A 110 14.18 10.20 9.01
CA PHE A 110 13.96 9.17 10.01
C PHE A 110 12.49 8.74 10.03
N TYR A 111 12.26 7.42 10.15
CA TYR A 111 10.92 6.82 10.04
C TYR A 111 10.52 6.22 11.38
N PRO A 112 9.76 6.95 12.22
CA PRO A 112 9.55 6.49 13.59
C PRO A 112 8.68 5.26 13.67
N ALA A 113 7.77 5.06 12.71
CA ALA A 113 6.96 3.86 12.73
C ALA A 113 7.69 2.68 12.11
N GLY A 114 8.81 2.93 11.43
CA GLY A 114 9.68 1.86 10.99
C GLY A 114 8.97 0.91 10.06
N GLU A 115 9.02 -0.38 10.43
CA GLU A 115 8.50 -1.43 9.57
C GLU A 115 6.99 -1.42 9.49
N VAL A 116 6.33 -0.80 10.48
CA VAL A 116 4.87 -0.88 10.60
C VAL A 116 4.19 -0.29 9.37
N VAL A 117 4.82 0.70 8.73
CA VAL A 117 4.13 1.39 7.66
C VAL A 117 5.16 1.72 6.57
N ALA A 118 6.09 0.79 6.36
CA ALA A 118 7.17 1.06 5.41
C ALA A 118 6.67 1.07 3.98
N HIS A 119 5.77 0.15 3.63
CA HIS A 119 5.39 0.11 2.22
C HIS A 119 4.57 1.34 1.86
N ALA A 120 3.72 1.80 2.77
CA ALA A 120 2.92 2.98 2.48
C ALA A 120 3.80 4.22 2.39
N VAL A 121 4.57 4.52 3.45
CA VAL A 121 5.41 5.73 3.46
C VAL A 121 6.55 5.63 2.43
N GLY A 122 7.21 4.49 2.30
CA GLY A 122 8.38 4.41 1.46
C GLY A 122 9.59 4.96 2.17
N PHE A 123 10.58 5.40 1.42
CA PHE A 123 11.86 5.89 2.00
C PHE A 123 12.60 6.71 0.97
N THR A 124 13.62 7.44 1.40
CA THR A 124 14.42 8.24 0.48
C THR A 124 15.73 7.51 0.15
N ASP A 125 16.44 8.01 -0.87
CA ASP A 125 17.80 7.58 -1.17
C ASP A 125 18.79 8.55 -0.53
N VAL A 126 20.11 8.37 -0.76
CA VAL A 126 21.10 9.12 0.04
C VAL A 126 21.05 10.61 -0.29
N ASP A 127 20.43 10.96 -1.41
CA ASP A 127 20.18 12.32 -1.85
C ASP A 127 19.02 13.00 -1.12
N ASP A 128 18.29 12.26 -0.27
CA ASP A 128 17.07 12.72 0.45
C ASP A 128 15.93 12.97 -0.53
N ARG A 129 15.83 12.09 -1.51
CA ARG A 129 14.95 12.29 -2.64
C ARG A 129 14.17 11.00 -2.81
N GLY A 130 12.85 11.10 -2.92
CA GLY A 130 12.02 9.92 -2.69
C GLY A 130 12.36 8.81 -3.66
N ARG A 131 12.34 7.57 -3.16
CA ARG A 131 12.56 6.45 -4.07
C ARG A 131 11.62 5.26 -3.84
N GLU A 132 10.70 5.34 -2.88
CA GLU A 132 9.55 4.45 -2.84
C GLU A 132 8.36 5.20 -2.26
N GLY A 133 7.17 4.57 -2.40
CA GLY A 133 5.94 4.94 -1.72
C GLY A 133 5.51 6.39 -1.82
N ILE A 134 4.88 6.87 -0.74
CA ILE A 134 4.48 8.27 -0.65
C ILE A 134 5.69 9.20 -0.77
N GLU A 135 6.82 8.83 -0.15
CA GLU A 135 8.05 9.61 -0.32
C GLU A 135 8.34 9.88 -1.78
N LEU A 136 8.17 8.88 -2.64
CA LEU A 136 8.34 9.11 -4.07
C LEU A 136 7.09 9.73 -4.71
N ALA A 137 5.90 9.27 -4.33
CA ALA A 137 4.70 9.80 -4.98
C ALA A 137 4.50 11.28 -4.72
N PHE A 138 4.85 11.80 -3.55
CA PHE A 138 4.63 13.26 -3.37
C PHE A 138 5.99 13.95 -3.25
N ASP A 139 6.96 13.54 -4.05
CA ASP A 139 8.29 14.09 -3.85
C ASP A 139 8.32 15.59 -4.11
N GLU A 140 7.51 16.08 -5.06
CA GLU A 140 7.35 17.52 -5.22
C GLU A 140 6.98 18.18 -3.92
N TRP A 141 5.83 17.78 -3.39
CA TRP A 141 5.20 18.45 -2.25
C TRP A 141 6.15 18.51 -1.06
N LEU A 142 6.89 17.44 -0.87
CA LEU A 142 7.73 17.27 0.31
C LEU A 142 9.09 17.93 0.17
N ALA A 143 9.63 18.02 -1.06
CA ALA A 143 11.05 18.33 -1.25
C ALA A 143 11.37 19.81 -1.04
N GLY A 144 10.61 20.71 -1.67
CA GLY A 144 10.89 22.12 -1.52
C GLY A 144 12.13 22.57 -2.27
N VAL A 145 12.25 23.87 -2.48
CA VAL A 145 13.24 24.44 -3.41
C VAL A 145 14.62 24.59 -2.79
N PRO A 146 15.63 23.90 -3.32
CA PRO A 146 16.99 24.11 -2.82
C PRO A 146 17.48 25.52 -3.15
N GLY A 147 18.04 26.19 -2.14
CA GLY A 147 18.71 27.46 -2.34
C GLY A 147 20.12 27.30 -2.89
N LYS A 148 20.70 28.42 -3.31
CA LYS A 148 22.03 28.39 -3.97
C LYS A 148 22.94 29.50 -3.42
N ARG A 149 24.22 29.18 -3.31
CA ARG A 149 25.22 30.11 -2.72
C ARG A 149 26.20 30.60 -3.78
N GLN A 150 26.44 31.90 -3.75
CA GLN A 150 27.46 32.57 -4.60
C GLN A 150 28.67 32.78 -3.68
N VAL A 151 29.86 32.36 -4.11
CA VAL A 151 31.06 32.48 -3.22
C VAL A 151 32.31 32.74 -4.06
N LEU A 152 33.45 32.85 -3.40
CA LEU A 152 34.74 33.11 -4.08
C LEU A 152 35.68 31.91 -4.00
N LYS A 153 36.22 31.50 -5.15
CA LYS A 153 37.22 30.40 -5.25
C LYS A 153 38.60 30.87 -4.81
N ASP A 154 39.51 29.91 -4.61
CA ASP A 154 40.94 30.20 -4.32
C ASP A 154 41.78 29.18 -5.10
N ARG A 155 43.10 29.41 -5.17
CA ARG A 155 44.07 28.50 -5.83
C ARG A 155 43.69 27.05 -5.59
N ARG A 156 43.31 26.58 -4.36
CA ARG A 156 42.90 25.16 -4.47
C ARG A 156 41.56 24.91 -3.77
N GLY A 157 40.60 25.84 -3.87
CA GLY A 157 39.32 25.59 -3.23
C GLY A 157 39.04 26.27 -1.90
N ARG A 158 39.71 27.39 -1.59
CA ARG A 158 39.35 28.21 -0.43
C ARG A 158 38.19 29.15 -0.73
N VAL A 159 37.15 29.03 0.07
CA VAL A 159 36.00 29.94 0.00
C VAL A 159 36.33 31.22 0.77
N ILE A 160 36.06 32.36 0.14
CA ILE A 160 36.47 33.65 0.69
C ILE A 160 35.30 34.42 1.31
N LYS A 161 34.14 34.34 0.66
CA LYS A 161 32.86 35.02 1.06
C LYS A 161 31.75 34.61 0.09
N ASP A 162 30.54 35.14 0.33
CA ASP A 162 29.36 34.91 -0.55
C ASP A 162 28.93 36.28 -1.07
N VAL A 163 28.82 36.45 -2.40
CA VAL A 163 28.44 37.78 -2.98
C VAL A 163 27.02 38.16 -2.52
N GLN A 164 26.09 37.21 -2.58
CA GLN A 164 24.68 37.47 -2.17
C GLN A 164 23.94 36.16 -1.94
N VAL A 165 22.78 36.20 -1.28
CA VAL A 165 21.94 34.99 -1.05
C VAL A 165 21.06 34.81 -2.30
N THR A 166 21.67 34.34 -3.40
CA THR A 166 20.98 34.15 -4.70
C THR A 166 19.62 33.46 -4.52
N LYS A 167 19.57 32.38 -3.72
CA LYS A 167 18.33 31.64 -3.54
C LYS A 167 18.19 31.23 -2.09
N ASN A 168 17.18 31.78 -1.40
CA ASN A 168 16.79 31.26 -0.10
C ASN A 168 16.10 29.91 -0.25
N ALA A 169 16.59 28.90 0.48
CA ALA A 169 16.01 27.56 0.43
C ALA A 169 14.61 27.57 1.02
N LYS A 170 13.67 27.00 0.29
CA LYS A 170 12.28 26.85 0.65
C LYS A 170 12.05 25.46 1.24
N PRO A 171 11.45 25.32 2.42
CA PRO A 171 11.19 23.97 2.93
C PRO A 171 10.04 23.31 2.16
N GLY A 172 9.98 21.98 2.23
CA GLY A 172 8.88 21.25 1.66
C GLY A 172 7.65 21.31 2.56
N LYS A 173 6.53 20.79 2.06
CA LYS A 173 5.27 20.96 2.77
C LYS A 173 4.86 19.69 3.50
N THR A 174 4.25 19.87 4.67
CA THR A 174 3.84 18.75 5.50
C THR A 174 2.78 17.95 4.76
N LEU A 175 2.78 16.65 5.00
CA LEU A 175 1.87 15.76 4.31
C LEU A 175 1.26 14.83 5.36
N ALA A 176 -0.06 14.88 5.47
CA ALA A 176 -0.81 14.10 6.42
C ALA A 176 -1.51 12.99 5.66
N LEU A 177 -1.20 11.76 6.01
CA LEU A 177 -1.74 10.65 5.26
C LEU A 177 -3.12 10.28 5.79
N SER A 178 -3.82 9.49 4.98
CA SER A 178 -5.10 8.94 5.39
C SER A 178 -4.93 7.77 6.37
N ILE A 179 -3.77 7.09 6.32
CA ILE A 179 -3.47 6.04 7.29
C ILE A 179 -3.74 6.53 8.72
N ASP A 180 -4.35 5.69 9.53
CA ASP A 180 -4.42 5.88 10.98
C ASP A 180 -3.44 4.90 11.65
N LEU A 181 -2.31 5.41 12.10
CA LEU A 181 -1.26 4.53 12.62
C LEU A 181 -1.79 3.58 13.69
N ARG A 182 -2.87 3.94 14.38
CA ARG A 182 -3.47 2.99 15.31
C ARG A 182 -4.04 1.79 14.57
N LEU A 183 -4.77 2.03 13.49
CA LEU A 183 -5.34 0.90 12.77
C LEU A 183 -4.24 0.18 12.02
N GLN A 184 -3.29 0.96 11.50
CA GLN A 184 -2.12 0.41 10.83
C GLN A 184 -1.36 -0.56 11.74
N TYR A 185 -1.19 -0.21 13.01
CA TYR A 185 -0.50 -1.11 13.94
C TYR A 185 -1.31 -2.38 14.20
N LEU A 186 -2.61 -2.22 14.43
CA LEU A 186 -3.51 -3.35 14.58
C LEU A 186 -3.40 -4.31 13.41
N ALA A 187 -3.50 -3.76 12.19
CA ALA A 187 -3.45 -4.59 10.99
C ALA A 187 -2.09 -5.25 10.83
N HIS A 188 -1.02 -4.47 10.94
CA HIS A 188 0.32 -5.01 10.88
C HIS A 188 0.49 -6.21 11.79
N ARG A 189 0.00 -6.09 13.02
CA ARG A 189 0.19 -7.13 14.02
C ARG A 189 -0.62 -8.39 13.66
N GLU A 190 -1.94 -8.24 13.48
CA GLU A 190 -2.77 -9.41 13.28
C GLU A 190 -2.44 -10.09 11.96
N LEU A 191 -2.04 -9.31 10.94
CA LEU A 191 -1.60 -9.93 9.71
C LEU A 191 -0.37 -10.79 9.97
N ARG A 192 0.61 -10.24 10.69
CA ARG A 192 1.86 -10.98 10.90
C ARG A 192 1.62 -12.24 11.72
N ASN A 193 0.80 -12.18 12.77
CA ASN A 193 0.46 -13.40 13.52
C ASN A 193 -0.09 -14.48 12.59
N ALA A 194 -1.12 -14.15 11.80
CA ALA A 194 -1.73 -15.12 10.89
C ALA A 194 -0.71 -15.78 9.97
N LEU A 195 0.19 -14.97 9.39
CA LEU A 195 1.26 -15.51 8.54
C LEU A 195 2.01 -16.63 9.24
N LEU A 196 2.41 -16.37 10.48
CA LEU A 196 3.07 -17.37 11.31
C LEU A 196 2.09 -18.45 11.75
N GLU A 197 0.88 -18.07 12.17
CA GLU A 197 -0.02 -19.02 12.80
C GLU A 197 -0.49 -20.05 11.78
N ASN A 198 -0.63 -19.62 10.52
CA ASN A 198 -1.02 -20.44 9.38
C ASN A 198 0.15 -20.78 8.46
N GLY A 199 1.39 -20.56 8.88
CA GLY A 199 2.53 -21.01 8.11
C GLY A 199 2.52 -20.53 6.67
N ALA A 200 2.46 -19.22 6.47
CA ALA A 200 2.28 -18.65 5.15
C ALA A 200 3.41 -17.71 4.79
N LYS A 201 3.51 -17.43 3.49
CA LYS A 201 4.69 -16.84 2.88
C LYS A 201 4.61 -15.32 2.73
N ALA A 202 3.50 -14.78 2.20
CA ALA A 202 3.32 -13.34 2.08
C ALA A 202 1.88 -12.96 2.44
N GLY A 203 1.65 -11.68 2.75
CA GLY A 203 0.33 -11.22 3.10
C GLY A 203 0.02 -9.81 2.62
N SER A 204 -1.23 -9.42 2.80
CA SER A 204 -1.69 -8.05 2.63
C SER A 204 -2.98 -7.87 3.42
N LEU A 205 -3.19 -6.64 3.90
CA LEU A 205 -4.46 -6.27 4.49
C LEU A 205 -4.67 -4.78 4.22
N VAL A 206 -5.81 -4.43 3.58
CA VAL A 206 -6.21 -3.05 3.33
C VAL A 206 -7.48 -2.74 4.13
N ILE A 207 -7.56 -1.53 4.67
CA ILE A 207 -8.74 -1.03 5.36
C ILE A 207 -9.13 0.29 4.72
N MET A 208 -10.35 0.37 4.20
CA MET A 208 -10.86 1.58 3.61
C MET A 208 -12.08 2.10 4.34
N ASP A 209 -12.10 3.43 4.49
CA ASP A 209 -13.28 4.17 4.89
C ASP A 209 -14.26 4.28 3.70
N VAL A 210 -15.45 3.67 3.84
CA VAL A 210 -16.35 3.53 2.70
C VAL A 210 -17.02 4.85 2.34
N LYS A 211 -17.03 5.78 3.29
CA LYS A 211 -17.65 7.10 3.18
C LYS A 211 -16.77 8.16 2.54
N THR A 212 -15.43 8.06 2.68
CA THR A 212 -14.49 9.12 2.29
C THR A 212 -13.49 8.68 1.23
N GLY A 213 -13.40 7.39 0.92
CA GLY A 213 -12.41 6.89 -0.02
C GLY A 213 -11.03 6.72 0.56
N GLU A 214 -10.83 7.09 1.82
CA GLU A 214 -9.52 7.04 2.48
C GLU A 214 -9.08 5.62 2.81
N ILE A 215 -7.79 5.37 2.56
CA ILE A 215 -7.14 4.12 2.97
C ILE A 215 -6.74 4.31 4.42
N LEU A 216 -7.39 3.58 5.32
CA LEU A 216 -7.09 3.74 6.73
C LEU A 216 -5.86 2.94 7.15
N ALA A 217 -5.53 1.89 6.44
CA ALA A 217 -4.45 0.99 6.80
C ALA A 217 -4.11 0.20 5.56
N MET A 218 -2.82 0.05 5.30
CA MET A 218 -2.32 -0.82 4.25
C MET A 218 -1.04 -1.45 4.78
N THR A 219 -1.01 -2.77 4.93
CA THR A 219 0.17 -3.48 5.41
C THR A 219 0.42 -4.73 4.58
N ASN A 220 1.67 -5.15 4.58
CA ASN A 220 2.07 -6.31 3.80
C ASN A 220 3.08 -7.07 4.62
N GLN A 221 3.09 -8.38 4.44
CA GLN A 221 4.16 -9.23 4.90
C GLN A 221 4.75 -9.93 3.68
N PRO A 222 6.06 -10.12 3.64
CA PRO A 222 7.04 -9.65 4.62
C PRO A 222 7.24 -8.14 4.53
N THR A 223 7.79 -7.55 5.58
CA THR A 223 8.08 -6.13 5.60
C THR A 223 9.52 -5.94 6.09
N TYR A 224 10.03 -4.71 5.92
CA TYR A 224 11.41 -4.33 6.23
C TYR A 224 11.41 -3.09 7.12
N ASN A 225 12.54 -2.81 7.75
CA ASN A 225 12.68 -1.59 8.53
C ASN A 225 13.39 -0.53 7.72
N PRO A 226 12.69 0.49 7.21
CA PRO A 226 13.33 1.45 6.29
C PRO A 226 14.45 2.27 6.92
N ASN A 227 14.62 2.22 8.24
CA ASN A 227 15.73 2.89 8.90
C ASN A 227 17.02 2.08 8.79
N ASN A 228 16.85 0.78 8.61
CA ASN A 228 17.95 -0.19 8.51
C ASN A 228 17.81 -0.95 7.20
N ARG A 229 18.39 -0.41 6.13
CA ARG A 229 18.26 -1.01 4.79
C ARG A 229 19.59 -1.61 4.35
N ARG A 230 20.38 -2.11 5.30
CA ARG A 230 21.72 -2.67 5.00
C ARG A 230 21.60 -3.83 4.01
N ASN A 231 20.74 -4.82 4.30
CA ASN A 231 20.66 -5.95 3.34
C ASN A 231 19.28 -5.85 2.69
N LEU A 232 19.29 -5.61 1.38
CA LEU A 232 18.09 -5.14 0.63
C LEU A 232 16.87 -6.05 0.67
N GLN A 233 16.98 -7.33 0.31
CA GLN A 233 15.80 -8.24 0.28
C GLN A 233 14.68 -7.64 -0.59
N PRO A 234 14.74 -7.69 -1.93
CA PRO A 234 13.74 -7.03 -2.78
C PRO A 234 12.29 -7.49 -2.53
N ALA A 235 12.09 -8.74 -2.17
CA ALA A 235 10.75 -9.28 -1.85
C ALA A 235 10.13 -8.58 -0.64
N ALA A 236 10.94 -8.23 0.35
CA ALA A 236 10.42 -7.59 1.58
C ALA A 236 9.91 -6.17 1.32
N MET A 237 10.46 -5.50 0.32
CA MET A 237 10.09 -4.10 0.04
C MET A 237 8.88 -4.05 -0.87
N ARG A 238 8.44 -5.19 -1.38
CA ARG A 238 7.32 -5.27 -2.34
C ARG A 238 6.05 -4.82 -1.64
N ASN A 239 5.44 -3.75 -2.13
CA ASN A 239 4.16 -3.24 -1.58
C ASN A 239 3.07 -4.00 -2.31
N ARG A 240 2.77 -5.20 -1.86
CA ARG A 240 1.87 -6.15 -2.54
C ARG A 240 0.47 -5.60 -2.78
N ALA A 241 -0.10 -4.90 -1.82
CA ALA A 241 -1.47 -4.39 -1.94
C ALA A 241 -1.64 -3.55 -3.20
N MET A 242 -0.57 -2.90 -3.63
CA MET A 242 -0.56 -2.02 -4.79
C MET A 242 -0.02 -2.71 -6.05
N ILE A 243 0.68 -3.84 -5.90
CA ILE A 243 1.63 -4.38 -6.88
C ILE A 243 1.36 -5.84 -7.27
N ASP A 244 0.95 -6.70 -6.34
CA ASP A 244 0.62 -8.07 -6.72
C ASP A 244 -0.79 -8.08 -7.31
N VAL A 245 -0.89 -8.36 -8.62
CA VAL A 245 -2.17 -8.72 -9.25
C VAL A 245 -2.42 -10.19 -9.01
N PHE A 246 -3.64 -10.53 -8.62
CA PHE A 246 -3.96 -11.95 -8.31
C PHE A 246 -5.36 -12.27 -8.81
N GLU A 247 -5.75 -13.56 -8.93
CA GLU A 247 -7.12 -13.56 -9.44
C GLU A 247 -8.09 -13.59 -8.27
N PRO A 248 -9.20 -12.86 -8.31
CA PRO A 248 -9.95 -12.65 -7.07
C PRO A 248 -10.94 -13.75 -6.73
N GLY A 249 -11.27 -14.59 -7.70
CA GLY A 249 -12.04 -15.77 -7.37
C GLY A 249 -13.41 -15.43 -6.82
N SER A 250 -13.83 -16.18 -5.83
CA SER A 250 -15.19 -16.10 -5.30
C SER A 250 -15.52 -14.74 -4.67
N THR A 251 -14.50 -13.93 -4.31
CA THR A 251 -14.83 -12.62 -3.77
C THR A 251 -15.36 -11.63 -4.84
N VAL A 252 -15.57 -12.02 -6.10
CA VAL A 252 -16.29 -11.18 -7.05
C VAL A 252 -17.69 -11.68 -7.32
N LYS A 253 -18.10 -12.81 -6.74
CA LYS A 253 -19.48 -13.27 -6.85
C LYS A 253 -20.50 -12.24 -6.35
N PRO A 254 -20.22 -11.39 -5.35
CA PRO A 254 -21.19 -10.34 -5.04
C PRO A 254 -21.43 -9.38 -6.20
N PHE A 255 -20.45 -9.18 -7.08
CA PHE A 255 -20.72 -8.25 -8.17
C PHE A 255 -21.44 -8.95 -9.31
N SER A 256 -21.11 -10.22 -9.56
CA SER A 256 -21.91 -11.08 -10.42
C SER A 256 -23.37 -11.00 -10.02
N MET A 257 -23.63 -11.17 -8.73
CA MET A 257 -24.98 -11.18 -8.20
C MET A 257 -25.63 -9.82 -8.40
N SER A 258 -24.88 -8.72 -8.19
CA SER A 258 -25.48 -7.39 -8.38
C SER A 258 -25.95 -7.24 -9.79
N ALA A 259 -25.15 -7.72 -10.75
CA ALA A 259 -25.57 -7.70 -12.13
C ALA A 259 -26.90 -8.44 -12.30
N ALA A 260 -27.03 -9.61 -11.64
CA ALA A 260 -28.24 -10.40 -11.76
C ALA A 260 -29.42 -9.66 -11.20
N LEU A 261 -29.30 -9.14 -9.97
CA LEU A 261 -30.42 -8.45 -9.33
C LEU A 261 -30.79 -7.14 -10.04
N ALA A 262 -29.90 -6.59 -10.86
CA ALA A 262 -30.17 -5.40 -11.66
C ALA A 262 -30.80 -5.74 -13.00
N SER A 263 -30.68 -6.97 -13.44
CA SER A 263 -31.14 -7.34 -14.77
C SER A 263 -32.65 -7.30 -14.90
N GLY A 264 -33.37 -7.33 -13.77
CA GLY A 264 -34.78 -7.49 -13.79
C GLY A 264 -35.24 -8.92 -13.71
N ARG A 265 -34.31 -9.88 -13.70
CA ARG A 265 -34.62 -11.29 -13.89
C ARG A 265 -34.40 -12.14 -12.65
N TRP A 266 -33.89 -11.56 -11.56
CA TRP A 266 -33.47 -12.29 -10.38
C TRP A 266 -33.77 -11.49 -9.12
N LYS A 267 -34.34 -12.17 -8.14
CA LYS A 267 -34.51 -11.68 -6.78
C LYS A 267 -33.82 -12.74 -5.91
N PRO A 268 -33.60 -12.50 -4.61
CA PRO A 268 -32.71 -13.42 -3.87
C PRO A 268 -33.34 -14.76 -3.57
N SER A 269 -34.67 -14.83 -3.53
CA SER A 269 -35.39 -16.06 -3.25
C SER A 269 -35.64 -16.91 -4.49
N ASP A 270 -35.28 -16.44 -5.68
CA ASP A 270 -35.25 -17.28 -6.86
C ASP A 270 -34.29 -18.45 -6.68
N ILE A 271 -34.52 -19.48 -7.49
CA ILE A 271 -33.86 -20.77 -7.32
C ILE A 271 -33.06 -21.13 -8.56
N VAL A 272 -31.90 -21.74 -8.33
CA VAL A 272 -31.08 -22.35 -9.37
C VAL A 272 -30.89 -23.82 -8.99
N ASP A 273 -30.88 -24.69 -10.00
CA ASP A 273 -30.60 -26.11 -9.79
C ASP A 273 -29.14 -26.36 -10.07
N VAL A 274 -28.39 -26.76 -9.04
CA VAL A 274 -26.97 -27.00 -9.20
C VAL A 274 -26.65 -28.48 -9.20
N TYR A 275 -27.69 -29.28 -9.27
CA TYR A 275 -27.43 -30.71 -9.42
C TYR A 275 -26.87 -30.96 -10.83
N PRO A 276 -25.67 -31.83 -10.83
CA PRO A 276 -24.95 -32.59 -9.78
C PRO A 276 -23.70 -31.95 -9.15
N GLY A 277 -23.65 -30.63 -9.07
CA GLY A 277 -22.41 -30.03 -8.63
C GLY A 277 -21.34 -29.91 -9.70
N THR A 278 -21.64 -30.26 -10.95
CA THR A 278 -20.72 -30.05 -12.07
C THR A 278 -21.51 -29.62 -13.30
N LEU A 279 -20.79 -29.08 -14.28
CA LEU A 279 -21.37 -28.55 -15.51
C LEU A 279 -20.27 -28.49 -16.55
N GLN A 280 -20.61 -28.73 -17.81
CA GLN A 280 -19.60 -28.78 -18.86
C GLN A 280 -19.82 -27.74 -19.96
N ILE A 281 -18.72 -27.35 -20.61
CA ILE A 281 -18.76 -26.51 -21.80
C ILE A 281 -17.70 -27.08 -22.73
N GLY A 282 -18.07 -27.99 -23.63
CA GLY A 282 -17.03 -28.71 -24.33
C GLY A 282 -16.12 -29.41 -23.35
N ARG A 283 -14.82 -29.13 -23.45
CA ARG A 283 -13.86 -29.80 -22.59
C ARG A 283 -13.80 -29.18 -21.19
N TYR A 284 -14.25 -27.93 -21.05
CA TYR A 284 -14.18 -27.24 -19.76
C TYR A 284 -15.29 -27.78 -18.84
N THR A 285 -14.95 -28.09 -17.58
CA THR A 285 -15.91 -28.58 -16.60
C THR A 285 -15.86 -27.75 -15.32
N ILE A 286 -16.98 -27.09 -15.02
CA ILE A 286 -17.13 -26.26 -13.82
C ILE A 286 -17.46 -27.19 -12.66
N ARG A 287 -16.70 -27.11 -11.58
CA ARG A 287 -16.98 -27.96 -10.44
C ARG A 287 -17.31 -27.13 -9.22
N ASP A 288 -18.28 -27.60 -8.45
CA ASP A 288 -18.50 -27.01 -7.14
C ASP A 288 -17.66 -27.76 -6.14
N VAL A 289 -17.35 -27.08 -5.06
CA VAL A 289 -16.48 -27.71 -4.09
C VAL A 289 -17.23 -28.78 -3.31
N SER A 290 -18.45 -28.50 -2.85
CA SER A 290 -19.30 -29.50 -2.21
C SER A 290 -20.51 -29.77 -3.09
N ARG A 291 -20.72 -31.03 -3.44
CA ARG A 291 -21.67 -31.32 -4.50
C ARG A 291 -22.81 -32.21 -3.99
N ASN A 292 -23.48 -31.77 -2.91
CA ASN A 292 -24.69 -32.43 -2.44
C ASN A 292 -25.89 -31.49 -2.49
N SER A 293 -26.07 -30.76 -3.59
CA SER A 293 -27.15 -29.79 -3.69
C SER A 293 -27.92 -29.95 -5.00
N ARG A 294 -29.23 -29.70 -4.93
CA ARG A 294 -30.02 -29.53 -6.13
C ARG A 294 -30.44 -28.05 -6.15
N GLN A 295 -31.54 -27.69 -5.53
CA GLN A 295 -32.00 -26.31 -5.64
C GLN A 295 -31.36 -25.41 -4.59
N LEU A 296 -30.89 -24.25 -5.02
CA LEU A 296 -30.39 -23.23 -4.12
C LEU A 296 -31.01 -21.90 -4.51
N ASP A 297 -31.33 -21.07 -3.52
CA ASP A 297 -31.63 -19.68 -3.83
C ASP A 297 -30.32 -18.87 -3.85
N LEU A 298 -30.42 -17.59 -4.23
CA LEU A 298 -29.21 -16.83 -4.55
C LEU A 298 -28.35 -16.61 -3.33
N THR A 299 -28.96 -16.30 -2.18
CA THR A 299 -28.20 -16.28 -0.94
C THR A 299 -27.53 -17.63 -0.72
N GLY A 300 -28.21 -18.71 -1.12
CA GLY A 300 -27.64 -20.03 -0.94
C GLY A 300 -26.43 -20.29 -1.83
N ILE A 301 -26.46 -19.80 -3.08
CA ILE A 301 -25.32 -19.97 -3.98
C ILE A 301 -24.07 -19.35 -3.40
N LEU A 302 -24.21 -18.32 -2.58
CA LEU A 302 -23.04 -17.72 -1.94
C LEU A 302 -22.70 -18.52 -0.68
N ILE A 303 -23.70 -18.90 0.11
CA ILE A 303 -23.46 -19.66 1.37
C ILE A 303 -22.85 -21.01 1.05
N LYS A 304 -23.28 -21.64 -0.03
CA LYS A 304 -22.75 -22.97 -0.43
C LYS A 304 -21.56 -22.80 -1.37
N SER A 305 -21.20 -21.55 -1.67
N SER A 305 -21.22 -21.55 -1.70
CA SER A 305 -20.09 -21.22 -2.58
CA SER A 305 -20.05 -21.25 -2.58
C SER A 305 -20.17 -22.12 -3.81
C SER A 305 -20.13 -22.09 -3.86
N SER A 306 -21.26 -22.00 -4.55
CA SER A 306 -21.47 -22.80 -5.78
C SER A 306 -21.03 -22.05 -7.04
N ASN A 307 -20.00 -22.54 -7.71
CA ASN A 307 -19.55 -21.97 -8.99
C ASN A 307 -20.59 -22.26 -10.06
N VAL A 308 -21.20 -23.43 -10.01
CA VAL A 308 -22.21 -23.85 -11.01
C VAL A 308 -23.41 -22.91 -10.94
N GLY A 309 -23.84 -22.59 -9.73
CA GLY A 309 -25.00 -21.70 -9.57
C GLY A 309 -24.73 -20.32 -10.11
N ILE A 310 -23.58 -19.75 -9.79
CA ILE A 310 -23.22 -18.40 -10.29
C ILE A 310 -23.08 -18.43 -11.82
N SER A 311 -22.50 -19.48 -12.39
CA SER A 311 -22.33 -19.59 -13.85
C SER A 311 -23.69 -19.67 -14.51
N LYS A 312 -24.61 -20.42 -13.93
CA LYS A 312 -25.97 -20.56 -14.50
C LYS A 312 -26.65 -19.19 -14.50
N ILE A 313 -26.48 -18.41 -13.45
CA ILE A 313 -27.07 -17.05 -13.42
C ILE A 313 -26.40 -16.18 -14.50
N ALA A 314 -25.10 -16.29 -14.66
CA ALA A 314 -24.34 -15.53 -15.64
C ALA A 314 -24.78 -15.90 -17.07
N PHE A 315 -25.06 -17.16 -17.30
CA PHE A 315 -25.50 -17.58 -18.65
C PHE A 315 -26.83 -16.92 -18.99
N ASP A 316 -27.71 -16.86 -18.00
CA ASP A 316 -29.03 -16.22 -18.16
C ASP A 316 -28.90 -14.72 -18.42
N ILE A 317 -28.04 -14.02 -17.70
CA ILE A 317 -27.94 -12.54 -17.82
C ILE A 317 -26.87 -12.09 -18.82
N GLY A 318 -25.88 -12.93 -19.10
CA GLY A 318 -24.82 -12.54 -20.02
C GLY A 318 -23.62 -11.98 -19.30
N ALA A 319 -22.44 -12.23 -19.85
CA ALA A 319 -21.17 -11.75 -19.28
C ALA A 319 -21.06 -10.25 -19.36
N GLU A 320 -21.64 -9.63 -20.37
CA GLU A 320 -21.52 -8.17 -20.57
C GLU A 320 -22.05 -7.43 -19.34
N SER A 321 -23.16 -7.85 -18.78
CA SER A 321 -23.73 -7.21 -17.58
C SER A 321 -22.77 -7.33 -16.40
N ILE A 322 -22.19 -8.51 -16.19
CA ILE A 322 -21.24 -8.79 -15.09
C ILE A 322 -19.96 -7.99 -15.27
N TYR A 323 -19.47 -7.93 -16.51
CA TYR A 323 -18.25 -7.18 -16.82
C TYR A 323 -18.49 -5.71 -16.53
N SER A 324 -19.66 -5.22 -16.91
CA SER A 324 -20.00 -3.80 -16.71
C SER A 324 -20.02 -3.49 -15.22
N VAL A 325 -20.59 -4.35 -14.40
CA VAL A 325 -20.59 -4.03 -12.95
C VAL A 325 -19.16 -4.04 -12.44
N MET A 326 -18.37 -5.02 -12.84
CA MET A 326 -16.99 -5.12 -12.33
C MET A 326 -16.18 -3.92 -12.78
N GLN A 327 -16.44 -3.42 -13.99
CA GLN A 327 -15.64 -2.29 -14.47
C GLN A 327 -16.01 -1.02 -13.75
N GLN A 328 -17.29 -0.85 -13.46
CA GLN A 328 -17.81 0.33 -12.74
C GLN A 328 -17.25 0.41 -11.32
N VAL A 329 -16.97 -0.72 -10.69
CA VAL A 329 -16.38 -0.73 -9.31
C VAL A 329 -14.86 -0.56 -9.36
N GLY A 330 -14.27 -0.56 -10.56
CA GLY A 330 -12.83 -0.34 -10.72
C GLY A 330 -11.99 -1.59 -10.89
N LEU A 331 -12.59 -2.75 -11.10
CA LEU A 331 -11.73 -3.95 -11.26
C LEU A 331 -10.99 -3.87 -12.59
N GLY A 332 -9.66 -4.01 -12.54
CA GLY A 332 -8.79 -3.96 -13.73
C GLY A 332 -8.68 -2.57 -14.31
N GLN A 333 -8.95 -1.55 -13.49
CA GLN A 333 -8.96 -0.13 -13.91
C GLN A 333 -7.95 0.65 -13.08
N ASP A 334 -7.36 1.69 -13.66
CA ASP A 334 -6.37 2.53 -12.94
C ASP A 334 -7.06 3.20 -11.77
N THR A 335 -6.42 3.21 -10.60
CA THR A 335 -7.05 3.76 -9.37
C THR A 335 -6.78 5.23 -9.22
N GLY A 336 -5.81 5.77 -9.95
CA GLY A 336 -5.47 7.19 -9.92
C GLY A 336 -4.63 7.60 -8.74
N LEU A 337 -4.18 6.64 -7.94
CA LEU A 337 -3.37 6.93 -6.74
C LEU A 337 -1.98 7.41 -7.12
N GLY A 338 -1.53 7.04 -8.31
CA GLY A 338 -0.22 7.54 -8.77
C GLY A 338 0.91 7.00 -7.95
N PHE A 339 0.67 5.93 -7.21
CA PHE A 339 1.71 5.26 -6.39
C PHE A 339 2.68 4.58 -7.35
N PRO A 340 3.98 4.50 -7.01
CA PRO A 340 5.00 3.90 -7.85
C PRO A 340 4.79 2.44 -8.23
N GLY A 341 4.95 2.14 -9.51
CA GLY A 341 4.83 0.77 -10.00
C GLY A 341 3.53 0.07 -9.65
N GLU A 342 2.44 0.82 -9.50
CA GLU A 342 1.12 0.29 -9.12
C GLU A 342 0.61 -0.54 -10.29
N ARG A 343 -0.07 -1.65 -10.04
CA ARG A 343 -0.54 -2.47 -11.17
C ARG A 343 -2.03 -2.26 -11.38
N VAL A 344 -2.41 -2.03 -12.65
CA VAL A 344 -3.81 -1.84 -13.13
C VAL A 344 -4.59 -3.14 -13.09
N GLY A 345 -3.96 -4.25 -13.43
CA GLY A 345 -4.69 -5.53 -13.43
C GLY A 345 -5.34 -5.86 -14.75
N ASN A 346 -6.09 -6.94 -14.83
CA ASN A 346 -6.70 -7.27 -16.12
C ASN A 346 -8.19 -7.53 -16.00
N LEU A 347 -8.99 -6.79 -16.74
CA LEU A 347 -10.42 -7.15 -16.86
C LEU A 347 -10.63 -7.51 -18.31
N PRO A 348 -10.81 -8.79 -18.67
CA PRO A 348 -10.96 -9.19 -20.06
C PRO A 348 -12.24 -8.71 -20.75
N ASN A 349 -12.14 -8.29 -21.99
CA ASN A 349 -13.32 -7.85 -22.77
C ASN A 349 -13.46 -8.69 -24.03
N HIS A 350 -14.69 -9.13 -24.31
CA HIS A 350 -15.04 -9.89 -25.53
C HIS A 350 -16.20 -9.19 -26.23
N ARG A 351 -16.24 -9.22 -27.56
CA ARG A 351 -17.44 -8.73 -28.29
C ARG A 351 -18.53 -9.77 -28.12
N LYS A 352 -18.13 -11.02 -28.28
CA LYS A 352 -18.99 -12.20 -28.11
C LYS A 352 -18.34 -13.05 -27.03
N TRP A 353 -18.81 -12.94 -25.81
CA TRP A 353 -18.21 -13.75 -24.72
C TRP A 353 -18.69 -15.17 -24.94
N PRO A 354 -17.79 -16.37 -24.91
CA PRO A 354 -18.06 -17.78 -24.91
C PRO A 354 -18.66 -18.19 -23.56
N LYS A 355 -19.33 -19.33 -23.56
CA LYS A 355 -19.94 -19.82 -22.32
C LYS A 355 -18.84 -20.07 -21.29
N ALA A 356 -17.70 -20.64 -21.68
CA ALA A 356 -16.64 -20.91 -20.70
C ALA A 356 -16.10 -19.62 -20.08
N GLU A 357 -15.85 -18.62 -20.91
CA GLU A 357 -15.32 -17.29 -20.49
C GLU A 357 -16.32 -16.56 -19.60
N THR A 358 -17.61 -16.69 -19.88
CA THR A 358 -18.66 -16.07 -19.03
C THR A 358 -18.69 -16.73 -17.66
N ALA A 359 -18.56 -18.05 -17.62
CA ALA A 359 -18.59 -18.79 -16.36
C ALA A 359 -17.40 -18.41 -15.48
N THR A 360 -16.20 -18.36 -16.04
CA THR A 360 -15.00 -18.06 -15.22
C THR A 360 -15.07 -16.64 -14.65
N LEU A 361 -15.53 -15.68 -15.45
CA LEU A 361 -15.61 -14.29 -15.00
C LEU A 361 -16.59 -14.15 -13.84
N ALA A 362 -17.68 -14.88 -13.87
CA ALA A 362 -18.72 -14.85 -12.83
C ALA A 362 -18.16 -15.33 -11.51
N TYR A 363 -17.22 -16.25 -11.53
CA TYR A 363 -16.68 -16.81 -10.27
C TYR A 363 -15.23 -16.38 -9.99
N GLY A 364 -14.77 -15.32 -10.62
CA GLY A 364 -13.47 -14.74 -10.24
C GLY A 364 -12.26 -15.15 -11.04
N TYR A 365 -12.41 -15.92 -12.11
CA TYR A 365 -11.22 -16.30 -12.90
C TYR A 365 -11.15 -15.54 -14.21
N GLY A 366 -9.95 -15.43 -14.75
CA GLY A 366 -9.78 -14.75 -16.04
C GLY A 366 -9.58 -13.26 -15.89
N LEU A 367 -9.66 -12.77 -14.67
CA LEU A 367 -9.44 -11.34 -14.39
C LEU A 367 -8.42 -11.23 -13.25
N SER A 368 -7.63 -10.19 -13.21
CA SER A 368 -6.67 -10.07 -12.09
C SER A 368 -6.79 -8.68 -11.50
N VAL A 369 -6.71 -8.59 -10.17
CA VAL A 369 -6.93 -7.31 -9.45
C VAL A 369 -5.90 -7.18 -8.33
N THR A 370 -5.69 -5.96 -7.86
CA THR A 370 -4.86 -5.74 -6.67
C THR A 370 -5.78 -5.69 -5.46
N ALA A 371 -5.25 -5.87 -4.26
CA ALA A 371 -6.06 -5.82 -3.03
C ALA A 371 -6.72 -4.44 -2.87
N ILE A 372 -6.03 -3.38 -3.27
CA ILE A 372 -6.57 -2.01 -3.21
C ILE A 372 -7.82 -1.92 -4.08
N GLN A 373 -7.81 -2.54 -5.26
CA GLN A 373 -8.99 -2.52 -6.16
C GLN A 373 -10.16 -3.26 -5.54
N LEU A 374 -9.91 -4.43 -4.97
CA LEU A 374 -10.96 -5.28 -4.38
C LEU A 374 -11.55 -4.59 -3.16
N ALA A 375 -10.72 -3.94 -2.38
CA ALA A 375 -11.18 -3.19 -1.22
C ALA A 375 -12.06 -2.06 -1.71
N HIS A 376 -11.59 -1.38 -2.74
CA HIS A 376 -12.31 -0.23 -3.31
C HIS A 376 -13.66 -0.66 -3.87
N ALA A 377 -13.68 -1.81 -4.51
CA ALA A 377 -14.93 -2.35 -5.06
C ALA A 377 -15.90 -2.65 -3.92
N TYR A 378 -15.40 -3.22 -2.84
CA TYR A 378 -16.22 -3.57 -1.65
C TYR A 378 -16.71 -2.31 -0.95
N ALA A 379 -15.90 -1.26 -0.93
CA ALA A 379 -16.29 0.02 -0.32
C ALA A 379 -17.45 0.60 -1.09
N ALA A 380 -17.42 0.47 -2.41
CA ALA A 380 -18.49 0.89 -3.31
C ALA A 380 -19.74 0.10 -2.96
N LEU A 381 -19.66 -1.18 -2.63
CA LEU A 381 -20.83 -1.96 -2.19
C LEU A 381 -21.37 -1.51 -0.84
N ALA A 382 -20.51 -1.31 0.16
CA ALA A 382 -20.94 -0.91 1.52
C ALA A 382 -21.58 0.47 1.54
N ASN A 383 -20.91 1.48 1.00
CA ASN A 383 -21.54 2.80 0.80
C ASN A 383 -22.63 2.42 -0.16
N ASP A 384 -23.89 2.81 -0.11
CA ASP A 384 -24.85 1.98 -0.89
C ASP A 384 -24.79 2.12 -2.42
N GLY A 385 -23.78 1.50 -3.05
CA GLY A 385 -23.51 1.52 -4.48
C GLY A 385 -22.75 2.74 -4.89
N LYS A 386 -22.32 3.57 -3.95
CA LYS A 386 -21.64 4.81 -4.36
C LYS A 386 -20.13 4.70 -4.18
N SER A 387 -19.40 4.94 -5.25
CA SER A 387 -17.93 4.85 -5.21
C SER A 387 -17.31 6.21 -4.94
N VAL A 388 -16.77 6.40 -3.75
CA VAL A 388 -16.03 7.64 -3.41
C VAL A 388 -14.60 7.41 -3.89
N PRO A 389 -13.92 8.39 -4.53
CA PRO A 389 -12.58 8.19 -5.01
C PRO A 389 -11.53 7.82 -3.94
N LEU A 390 -10.63 6.90 -4.29
CA LEU A 390 -9.54 6.42 -3.40
C LEU A 390 -8.60 7.57 -3.03
N SER A 391 -8.17 7.62 -1.79
CA SER A 391 -7.24 8.70 -1.37
C SER A 391 -6.25 8.14 -0.37
N MET A 392 -4.99 8.52 -0.49
CA MET A 392 -3.93 8.04 0.42
C MET A 392 -3.51 9.16 1.36
N THR A 393 -4.12 10.32 1.22
CA THR A 393 -3.87 11.51 2.06
C THR A 393 -5.14 11.85 2.81
N ARG A 394 -5.05 12.57 3.92
CA ARG A 394 -6.25 12.91 4.71
C ARG A 394 -7.25 13.65 3.84
N VAL A 395 -8.51 13.23 3.89
CA VAL A 395 -9.59 13.91 3.11
C VAL A 395 -10.45 14.67 4.11
N ASP A 396 -10.34 15.99 4.10
CA ASP A 396 -11.12 16.86 4.99
C ASP A 396 -12.38 17.30 4.26
N ARG A 397 -12.28 17.50 2.94
CA ARG A 397 -13.48 17.82 2.12
C ARG A 397 -13.63 16.72 1.08
N VAL A 398 -14.60 15.83 1.30
CA VAL A 398 -14.82 14.61 0.50
C VAL A 398 -15.34 14.92 -0.90
N PRO A 399 -14.75 14.34 -1.95
CA PRO A 399 -15.21 14.51 -3.29
C PRO A 399 -16.53 13.77 -3.53
N ASP A 400 -17.28 14.20 -4.53
CA ASP A 400 -18.55 13.55 -4.86
C ASP A 400 -18.28 12.14 -5.34
N GLY A 401 -19.13 11.20 -4.98
CA GLY A 401 -18.97 9.80 -5.40
C GLY A 401 -19.85 9.48 -6.57
N VAL A 402 -19.52 8.44 -7.29
CA VAL A 402 -20.28 8.00 -8.47
C VAL A 402 -21.16 6.83 -8.04
N GLN A 403 -22.39 6.77 -8.53
CA GLN A 403 -23.31 5.65 -8.25
C GLN A 403 -23.03 4.60 -9.31
N VAL A 404 -22.46 3.47 -8.94
CA VAL A 404 -22.03 2.47 -9.96
C VAL A 404 -22.91 1.23 -9.90
N ILE A 405 -23.53 1.02 -8.76
CA ILE A 405 -24.51 -0.05 -8.54
C ILE A 405 -25.70 0.69 -7.96
N SER A 406 -26.92 0.37 -8.38
CA SER A 406 -28.12 1.07 -7.85
C SER A 406 -28.29 0.78 -6.36
N PRO A 407 -28.76 1.72 -5.55
CA PRO A 407 -28.85 1.51 -4.12
C PRO A 407 -29.74 0.35 -3.66
N GLU A 408 -30.86 0.11 -4.31
CA GLU A 408 -31.67 -1.03 -3.82
C GLU A 408 -30.87 -2.31 -4.01
N VAL A 409 -30.29 -2.48 -5.18
CA VAL A 409 -29.50 -3.71 -5.47
C VAL A 409 -28.32 -3.81 -4.50
N ALA A 410 -27.65 -2.70 -4.22
CA ALA A 410 -26.49 -2.72 -3.33
C ALA A 410 -26.92 -3.11 -1.93
N SER A 411 -28.02 -2.57 -1.46
CA SER A 411 -28.59 -2.87 -0.14
C SER A 411 -29.00 -4.33 -0.07
N THR A 412 -29.53 -4.88 -1.17
CA THR A 412 -29.94 -6.30 -1.26
C THR A 412 -28.72 -7.21 -1.16
N VAL A 413 -27.65 -6.84 -1.86
CA VAL A 413 -26.38 -7.63 -1.88
C VAL A 413 -25.75 -7.61 -0.51
N GLN A 414 -25.86 -6.49 0.18
CA GLN A 414 -25.32 -6.35 1.54
C GLN A 414 -26.00 -7.37 2.44
N GLY A 415 -27.32 -7.53 2.33
CA GLY A 415 -28.06 -8.48 3.15
C GLY A 415 -27.64 -9.91 2.90
N MET A 416 -27.44 -10.26 1.64
CA MET A 416 -27.04 -11.64 1.29
C MET A 416 -25.66 -11.91 1.90
N LEU A 417 -24.76 -10.94 1.83
CA LEU A 417 -23.40 -11.03 2.42
C LEU A 417 -23.50 -11.12 3.94
N GLN A 418 -24.47 -10.42 4.52
CA GLN A 418 -24.75 -10.48 5.97
C GLN A 418 -25.24 -11.90 6.28
N GLN A 419 -26.07 -12.47 5.42
CA GLN A 419 -26.54 -13.85 5.68
C GLN A 419 -25.35 -14.79 5.45
N VAL A 420 -24.44 -14.42 4.56
CA VAL A 420 -23.26 -15.30 4.35
C VAL A 420 -22.50 -15.33 5.65
N VAL A 421 -22.30 -14.20 6.31
CA VAL A 421 -21.56 -14.28 7.59
C VAL A 421 -22.41 -14.91 8.70
N GLU A 422 -23.69 -14.58 8.79
CA GLU A 422 -24.41 -15.15 9.96
C GLU A 422 -24.71 -16.66 9.84
N ALA A 423 -25.39 -17.15 8.81
CA ALA A 423 -25.77 -18.58 8.81
C ALA A 423 -24.62 -19.59 8.66
N GLN A 424 -23.69 -19.38 7.72
CA GLN A 424 -22.58 -20.34 7.47
C GLN A 424 -21.45 -19.59 6.77
N GLY A 425 -20.24 -19.68 7.32
CA GLY A 425 -19.10 -18.82 6.95
C GLY A 425 -18.71 -17.94 8.13
N GLY A 426 -19.45 -18.17 9.22
CA GLY A 426 -19.45 -17.71 10.61
C GLY A 426 -19.66 -18.92 11.51
N VAL A 427 -19.26 -18.81 12.77
CA VAL A 427 -19.32 -19.73 13.96
C VAL A 427 -17.96 -20.40 14.17
N PHE A 428 -17.18 -20.52 13.12
CA PHE A 428 -15.81 -21.00 13.38
C PHE A 428 -14.87 -19.78 13.33
N ARG A 429 -15.21 -18.81 12.45
CA ARG A 429 -14.44 -17.57 12.18
C ARG A 429 -15.34 -16.51 11.52
N ALA A 430 -14.84 -15.28 11.33
CA ALA A 430 -15.44 -14.15 10.56
C ALA A 430 -16.53 -13.35 11.23
N GLN A 431 -17.12 -13.82 12.32
CA GLN A 431 -18.15 -12.95 12.92
C GLN A 431 -17.38 -11.86 13.67
N VAL A 432 -17.71 -10.61 13.42
CA VAL A 432 -17.06 -9.44 14.09
C VAL A 432 -17.94 -9.24 15.31
N PRO A 433 -17.52 -9.48 16.73
CA PRO A 433 -18.28 -9.51 17.99
C PRO A 433 -18.82 -8.13 18.33
N GLY A 434 -20.11 -8.03 18.43
CA GLY A 434 -20.73 -6.76 18.69
C GLY A 434 -21.34 -6.10 17.48
N TYR A 435 -20.85 -6.38 16.29
CA TYR A 435 -21.41 -5.66 15.11
C TYR A 435 -21.82 -6.65 14.02
N HIS A 436 -22.91 -6.34 13.33
CA HIS A 436 -23.29 -7.08 12.12
C HIS A 436 -22.28 -6.85 11.00
N ALA A 437 -21.57 -7.90 10.62
CA ALA A 437 -20.57 -7.91 9.57
C ALA A 437 -21.10 -8.58 8.30
N ALA A 438 -20.52 -8.21 7.16
CA ALA A 438 -20.81 -8.90 5.92
C ALA A 438 -19.55 -9.05 5.09
N GLY A 439 -19.53 -10.05 4.22
CA GLY A 439 -18.35 -10.32 3.44
C GLY A 439 -18.46 -11.62 2.66
N LYS A 440 -17.40 -11.89 1.87
CA LYS A 440 -17.30 -13.07 1.04
C LYS A 440 -15.88 -13.62 1.07
N SER A 441 -15.78 -14.93 1.24
CA SER A 441 -14.50 -15.63 1.22
C SER A 441 -14.13 -16.05 -0.20
N GLY A 442 -12.84 -16.21 -0.43
CA GLY A 442 -12.39 -16.70 -1.70
C GLY A 442 -11.10 -17.50 -1.55
N THR A 443 -10.97 -18.56 -2.35
CA THR A 443 -9.77 -19.43 -2.33
C THR A 443 -9.09 -19.39 -3.70
N ALA A 444 -7.88 -18.84 -3.77
CA ALA A 444 -7.13 -18.73 -5.04
C ALA A 444 -5.84 -19.57 -4.96
N ARG A 445 -5.61 -20.42 -5.96
CA ARG A 445 -4.39 -21.28 -6.00
C ARG A 445 -3.14 -20.40 -5.84
N ALA A 458 -0.16 -25.28 -3.67
CA ALA A 458 -0.72 -24.38 -2.65
C ALA A 458 -1.47 -23.20 -3.28
N TYR A 459 -2.40 -22.62 -2.51
CA TYR A 459 -3.34 -21.60 -2.95
C TYR A 459 -3.10 -20.23 -2.26
N ARG A 460 -4.12 -19.37 -2.31
CA ARG A 460 -4.09 -18.03 -1.73
C ARG A 460 -5.42 -17.76 -1.06
N SER A 461 -5.42 -17.28 0.17
CA SER A 461 -6.66 -17.16 0.92
C SER A 461 -7.13 -15.71 0.96
N LEU A 462 -8.40 -15.50 0.60
CA LEU A 462 -8.96 -14.19 0.34
C LEU A 462 -10.13 -13.98 1.26
N PHE A 463 -10.25 -12.79 1.85
CA PHE A 463 -11.55 -12.45 2.43
C PHE A 463 -11.77 -10.94 2.32
N ALA A 464 -12.98 -10.56 1.97
CA ALA A 464 -13.33 -9.17 1.75
C ALA A 464 -14.68 -8.92 2.38
N GLY A 465 -14.83 -7.78 3.05
CA GLY A 465 -16.09 -7.46 3.69
C GLY A 465 -16.06 -6.10 4.35
N PHE A 466 -17.19 -5.72 4.92
CA PHE A 466 -17.37 -4.36 5.47
C PHE A 466 -18.26 -4.43 6.70
N ALA A 467 -18.36 -3.33 7.42
CA ALA A 467 -19.03 -3.37 8.72
C ALA A 467 -19.16 -1.95 9.23
N PRO A 468 -20.17 -1.68 10.08
CA PRO A 468 -21.23 -2.61 10.50
C PRO A 468 -22.33 -2.66 9.43
N ALA A 469 -23.18 -3.69 9.45
CA ALA A 469 -24.10 -3.95 8.34
C ALA A 469 -25.17 -2.89 8.14
N THR A 470 -25.46 -2.07 9.15
CA THR A 470 -26.62 -1.19 9.07
C THR A 470 -26.26 0.27 8.78
N ASP A 471 -25.06 0.72 9.13
CA ASP A 471 -24.50 1.94 8.57
C ASP A 471 -23.04 1.63 8.29
N PRO A 472 -22.75 1.03 7.13
CA PRO A 472 -21.38 0.58 6.84
C PRO A 472 -20.36 1.70 6.93
N ARG A 473 -19.20 1.39 7.49
CA ARG A 473 -18.11 2.34 7.75
C ARG A 473 -16.79 1.90 7.13
N ILE A 474 -16.42 0.64 7.35
CA ILE A 474 -15.09 0.11 7.02
C ILE A 474 -15.25 -1.00 6.01
N ALA A 475 -14.42 -0.99 4.96
CA ALA A 475 -14.23 -2.14 4.08
C ALA A 475 -12.80 -2.65 4.24
N MET A 476 -12.63 -3.96 4.15
CA MET A 476 -11.37 -4.58 4.54
C MET A 476 -11.09 -5.73 3.61
N VAL A 477 -9.82 -5.90 3.23
CA VAL A 477 -9.41 -7.07 2.46
C VAL A 477 -8.22 -7.72 3.15
N VAL A 478 -8.29 -9.03 3.30
CA VAL A 478 -7.19 -9.84 3.84
C VAL A 478 -6.74 -10.77 2.71
N VAL A 479 -5.45 -10.69 2.35
CA VAL A 479 -4.90 -11.61 1.36
C VAL A 479 -3.67 -12.28 1.96
N ILE A 480 -3.69 -13.61 2.01
CA ILE A 480 -2.64 -14.42 2.64
C ILE A 480 -2.22 -15.48 1.62
N ASP A 481 -0.94 -15.61 1.36
CA ASP A 481 -0.51 -16.55 0.30
C ASP A 481 0.13 -17.82 0.83
N GLU A 482 -0.04 -18.90 0.07
CA GLU A 482 0.65 -20.19 0.29
C GLU A 482 0.58 -20.60 1.76
N PRO A 483 -0.59 -20.70 2.40
CA PRO A 483 -0.68 -21.16 3.77
C PRO A 483 -0.53 -22.68 3.92
N SER A 484 -0.16 -23.14 5.13
CA SER A 484 0.01 -24.58 5.45
C SER A 484 -1.14 -25.07 6.33
N VAL A 493 -9.24 -19.24 6.80
CA VAL A 493 -7.93 -18.67 7.15
C VAL A 493 -7.98 -17.16 7.31
N SER A 494 -8.52 -16.47 6.31
CA SER A 494 -8.56 -15.02 6.36
C SER A 494 -9.69 -14.53 7.23
N ALA A 495 -10.75 -15.32 7.37
CA ALA A 495 -11.93 -14.83 8.06
C ALA A 495 -11.66 -14.44 9.51
N PRO A 496 -10.79 -15.13 10.27
CA PRO A 496 -10.46 -14.64 11.62
C PRO A 496 -9.66 -13.35 11.56
N VAL A 497 -8.67 -13.26 10.66
CA VAL A 497 -7.86 -12.05 10.55
C VAL A 497 -8.78 -10.86 10.38
N PHE A 498 -9.72 -11.02 9.48
CA PHE A 498 -10.75 -10.01 9.21
C PHE A 498 -11.58 -9.79 10.48
N SER A 499 -12.11 -10.84 11.08
CA SER A 499 -12.95 -10.66 12.26
C SER A 499 -12.22 -9.88 13.36
N LYS A 500 -10.96 -10.24 13.63
CA LYS A 500 -10.20 -9.58 14.67
C LYS A 500 -9.88 -8.13 14.32
N VAL A 501 -9.26 -7.92 13.15
CA VAL A 501 -8.85 -6.58 12.74
C VAL A 501 -10.06 -5.66 12.62
N MET A 502 -11.16 -6.16 12.06
CA MET A 502 -12.39 -5.38 11.97
C MET A 502 -12.93 -5.00 13.35
N ALA A 503 -12.90 -5.94 14.29
CA ALA A 503 -13.38 -5.68 15.64
C ALA A 503 -12.61 -4.52 16.25
N GLY A 504 -11.27 -4.62 16.22
CA GLY A 504 -10.45 -3.59 16.81
C GLY A 504 -10.57 -2.28 16.05
N ALA A 505 -10.66 -2.35 14.73
CA ALA A 505 -10.74 -1.14 13.91
C ALA A 505 -12.01 -0.37 14.22
N LEU A 506 -13.15 -1.07 14.27
CA LEU A 506 -14.39 -0.39 14.61
C LEU A 506 -14.32 0.20 16.01
N ARG A 507 -13.66 -0.50 16.94
CA ARG A 507 -13.52 0.05 18.28
C ARG A 507 -12.59 1.25 18.31
N LEU A 508 -11.47 1.20 17.59
CA LEU A 508 -10.60 2.36 17.55
C LEU A 508 -11.34 3.59 17.03
N MET A 509 -12.32 3.39 16.15
CA MET A 509 -13.10 4.48 15.60
C MET A 509 -14.33 4.79 16.44
N ASN A 510 -14.41 4.22 17.64
CA ASN A 510 -15.58 4.33 18.49
C ASN A 510 -16.82 4.28 17.63
N VAL A 511 -17.00 3.18 16.92
CA VAL A 511 -18.22 2.91 16.18
C VAL A 511 -19.17 2.18 17.12
N PRO A 512 -20.32 2.76 17.45
CA PRO A 512 -21.24 2.11 18.36
C PRO A 512 -21.71 0.78 17.79
N PRO A 513 -21.65 -0.28 18.57
CA PRO A 513 -22.13 -1.60 18.09
C PRO A 513 -23.58 -1.53 17.63
N ASP A 514 -23.90 -2.33 16.60
CA ASP A 514 -25.23 -2.33 16.03
C ASP A 514 -25.94 -3.67 16.20
N ASN A 515 -25.49 -4.52 17.11
CA ASN A 515 -26.09 -5.83 17.28
C ASN A 515 -26.69 -5.77 18.69
N LEU A 516 -27.99 -5.45 18.74
CA LEU A 516 -28.71 -4.92 19.89
C LEU A 516 -30.05 -5.60 20.07
N PRO A 517 -30.58 -5.66 21.33
CA PRO A 517 -31.89 -6.28 21.57
C PRO A 517 -33.06 -5.55 20.91
C2 NEF B . -13.51 -23.11 -2.84
C3 NEF B . -14.40 -21.16 -5.16
C4 NEF B . -13.66 -22.43 -1.52
C6 NEF B . -13.20 -23.12 -0.35
C7 NEF B . -11.34 -22.67 -6.60
C8 NEF B . -10.81 -23.65 -5.60
C11 NEF B . -10.48 -25.53 -4.12
C13 NEF B . -15.18 -21.33 -3.90
C14 NEF B . -11.69 -24.97 0.47
C15 NEF B . -14.17 -21.15 -1.60
C16 NEF B . -14.26 -20.18 -0.43
C17 NEF B . -10.36 -24.66 0.20
S19 NEF B . -15.00 -23.09 -3.82
C1 NEF B . -14.17 -19.57 -5.13
O2 NEF B . -12.93 -19.25 -5.19
N4 NEF B . -13.15 -21.87 -5.24
C5 NEF B . -12.79 -22.34 -6.42
O6 NEF B . -13.61 -22.49 -7.30
C9 NEF B . -9.66 -23.56 -4.87
C10 NEF B . -9.47 -24.68 -4.08
S12 NEF B . -11.63 -25.08 -5.26
N14 NEF B . -14.55 -20.65 -2.78
O17 NEF B . -15.23 -19.52 -0.39
O18 NEF B . -13.34 -20.15 0.32
C12 NEF B . -12.78 -24.39 -0.32
C18 NEF B . -9.31 -25.16 0.93
C19 NEF B . -9.56 -26.03 1.98
C20 NEF B . -10.86 -26.40 2.32
C21 NEF B . -11.89 -25.86 1.55
N22 NEF B . -13.19 -26.27 1.94
N23 NEF B . -8.46 -26.49 2.78
O24 NEF B . -13.70 -27.19 1.35
O25 NEF B . -13.72 -25.68 2.85
O26 NEF B . -8.69 -26.84 3.94
O27 NEF B . -7.34 -26.42 2.30
#